data_7EUT
#
_entry.id   7EUT
#
_cell.length_a   42.958
_cell.length_b   100.945
_cell.length_c   154.506
_cell.angle_alpha   90.000
_cell.angle_beta   93.720
_cell.angle_gamma   90.000
#
_symmetry.space_group_name_H-M   'C 1 2 1'
#
loop_
_entity.id
_entity.type
_entity.pdbx_description
1 polymer '2-oxoglutarate (2-OG)-dependent dioxygenase'
2 non-polymer 'COPPER (II) ION'
3 non-polymer N-OXALYLGLYCINE
4 non-polymer 1,2-ETHANEDIOL
5 non-polymer GLYCEROL
6 water water
#
_entity_poly.entity_id   1
_entity_poly.type   'polypeptide(L)'
_entity_poly.pdbx_seq_one_letter_code
;MTSTTTTTETLQEAVPFVAPPSPPEDVNNKELPEKPYYDVEFNYRLDPRDGGDEVIWGGTVGLMRRKYETRTVRINNERG
NEHNFNLDTHGFAWVKHKTSVTEFADYLAIRQGPYYGEVAEMLKRVTGATKVHVIGHLHRSLNYNDTTEEEKNAPDMTMT
KGQTPGRFVHVDQSYQGAVRRLYLDLPQEEARRLEKTRWAIINVWRPVRKVTNEPLAVCDARSVREDELFNTLHLVPMRW
PDAAPQENQMWAVAPPKTPTQHKWHYVSGMTEDEALLIKMFDSKKDGTARRVPHSSFPTPDDFGEPRASTETRCFVFWED
QEAEALEHHHHHH
;
_entity_poly.pdbx_strand_id   A,B
#
# COMPACT_ATOMS: atom_id res chain seq x y z
N GLU A 34 23.07 17.39 -25.80
CA GLU A 34 23.58 18.62 -25.20
C GLU A 34 22.98 19.83 -25.90
N LYS A 35 21.67 19.74 -26.16
CA LYS A 35 20.74 20.75 -26.65
C LYS A 35 20.14 21.50 -25.47
N PRO A 36 19.52 22.66 -25.69
CA PRO A 36 19.02 23.43 -24.54
C PRO A 36 17.86 22.77 -23.81
N TYR A 37 17.10 21.88 -24.45
CA TYR A 37 16.01 21.19 -23.77
C TYR A 37 15.60 19.97 -24.59
N TYR A 38 14.64 19.23 -24.04
CA TYR A 38 14.01 18.09 -24.68
C TYR A 38 12.54 18.06 -24.29
N ASP A 39 11.67 17.74 -25.25
CA ASP A 39 10.25 17.53 -25.00
C ASP A 39 9.99 16.02 -25.08
N VAL A 40 9.80 15.38 -23.93
CA VAL A 40 9.70 13.92 -23.86
C VAL A 40 8.44 13.54 -23.09
N GLU A 41 7.81 12.45 -23.52
CA GLU A 41 6.69 11.87 -22.80
C GLU A 41 7.17 11.30 -21.46
N PHE A 42 6.50 11.69 -20.38
CA PHE A 42 6.80 11.18 -19.05
C PHE A 42 5.65 10.31 -18.55
N ASN A 43 5.96 9.43 -17.60
CA ASN A 43 4.99 8.49 -17.06
C ASN A 43 4.54 8.99 -15.69
N TYR A 44 3.28 9.40 -15.60
CA TYR A 44 2.69 9.92 -14.37
C TYR A 44 1.63 8.95 -13.85
N ARG A 45 1.07 9.29 -12.69
CA ARG A 45 0.12 8.41 -12.02
C ARG A 45 -1.17 8.29 -12.80
N LEU A 46 -1.57 7.06 -13.10
CA LEU A 46 -2.90 6.79 -13.63
C LEU A 46 -3.82 6.48 -12.45
N ASP A 47 -4.86 7.29 -12.28
CA ASP A 47 -5.81 7.10 -11.19
C ASP A 47 -6.44 5.71 -11.29
N PRO A 48 -6.74 5.08 -10.14
CA PRO A 48 -7.44 3.79 -10.19
C PRO A 48 -8.76 3.83 -10.96
N ARG A 49 -9.48 4.95 -10.88
CA ARG A 49 -10.71 5.12 -11.64
C ARG A 49 -10.50 4.94 -13.14
N ASP A 50 -9.29 5.19 -13.63
CA ASP A 50 -8.96 5.01 -15.04
C ASP A 50 -8.18 3.73 -15.30
N GLY A 51 -8.18 2.80 -14.35
CA GLY A 51 -7.54 1.51 -14.53
C GLY A 51 -6.20 1.32 -13.85
N GLY A 52 -5.75 2.29 -13.05
CA GLY A 52 -4.44 2.18 -12.44
C GLY A 52 -4.44 1.36 -11.16
N ASP A 53 -3.25 0.89 -10.81
CA ASP A 53 -3.01 0.18 -9.57
C ASP A 53 -2.06 0.98 -8.70
N GLU A 54 -1.93 0.55 -7.45
CA GLU A 54 -1.14 1.28 -6.46
C GLU A 54 -0.16 0.36 -5.75
N VAL A 55 0.49 -0.53 -6.51
CA VAL A 55 1.61 -1.32 -6.02
C VAL A 55 2.73 -1.24 -7.06
N ILE A 56 3.89 -0.77 -6.63
CA ILE A 56 5.08 -0.74 -7.47
C ILE A 56 5.90 -1.98 -7.14
N TRP A 57 5.93 -2.93 -8.07
CA TRP A 57 6.63 -4.19 -7.86
C TRP A 57 8.07 -4.02 -8.35
N GLY A 58 8.93 -3.55 -7.44
CA GLY A 58 10.28 -3.19 -7.83
C GLY A 58 11.06 -4.40 -8.31
N GLY A 59 11.87 -4.19 -9.35
CA GLY A 59 12.74 -5.22 -9.87
C GLY A 59 12.05 -6.36 -10.58
N THR A 60 10.77 -6.24 -10.89
CA THR A 60 10.03 -7.32 -11.54
C THR A 60 9.73 -6.96 -12.99
N VAL A 61 9.47 -8.01 -13.78
CA VAL A 61 9.13 -7.83 -15.18
C VAL A 61 7.84 -7.03 -15.33
N GLY A 62 6.86 -7.29 -14.45
CA GLY A 62 5.55 -6.68 -14.61
C GLY A 62 5.57 -5.17 -14.48
N LEU A 63 6.44 -4.64 -13.61
CA LEU A 63 6.54 -3.19 -13.44
C LEU A 63 6.83 -2.49 -14.76
N MET A 64 7.56 -3.16 -15.66
CA MET A 64 7.82 -2.60 -16.97
C MET A 64 6.57 -2.51 -17.83
N ARG A 65 5.53 -3.29 -17.51
CA ARG A 65 4.26 -3.24 -18.21
C ARG A 65 3.22 -2.41 -17.48
N ARG A 66 3.59 -1.77 -16.36
CA ARG A 66 2.62 -1.00 -15.59
C ARG A 66 2.08 0.15 -16.42
N LYS A 67 0.79 0.43 -16.25
CA LYS A 67 0.11 1.49 -16.98
C LYS A 67 0.29 2.83 -16.28
N TYR A 68 0.33 3.90 -17.07
CA TYR A 68 0.58 5.23 -16.56
C TYR A 68 -0.21 6.27 -17.34
N GLU A 69 -0.38 7.43 -16.72
CA GLU A 69 -0.88 8.62 -17.40
C GLU A 69 0.31 9.34 -18.02
N THR A 70 0.45 9.24 -19.33
CA THR A 70 1.58 9.85 -20.03
C THR A 70 1.26 11.29 -20.37
N ARG A 71 2.25 12.16 -20.19
CA ARG A 71 2.16 13.57 -20.54
C ARG A 71 3.50 14.04 -21.08
N THR A 72 3.47 14.91 -22.09
CA THR A 72 4.68 15.50 -22.61
C THR A 72 5.14 16.63 -21.70
N VAL A 73 6.39 16.56 -21.25
CA VAL A 73 6.96 17.60 -20.40
C VAL A 73 8.28 18.06 -21.01
N ARG A 74 8.62 19.32 -20.75
CA ARG A 74 9.90 19.87 -21.18
C ARG A 74 10.92 19.71 -20.07
N ILE A 75 12.10 19.21 -20.41
CA ILE A 75 13.20 19.02 -19.48
C ILE A 75 14.34 19.91 -19.94
N ASN A 76 14.72 20.87 -19.09
CA ASN A 76 15.73 21.84 -19.45
C ASN A 76 17.12 21.34 -19.11
N ASN A 77 18.03 21.43 -20.07
CA ASN A 77 19.42 21.06 -19.86
C ASN A 77 20.11 22.13 -19.01
N GLU A 78 20.73 21.69 -17.91
CA GLU A 78 21.35 22.61 -16.96
C GLU A 78 22.86 22.44 -16.90
N ARG A 79 23.47 21.76 -17.87
CA ARG A 79 24.92 21.71 -17.97
C ARG A 79 25.45 23.13 -18.20
N GLY A 80 26.19 23.65 -17.22
CA GLY A 80 26.65 25.02 -17.23
C GLY A 80 25.86 25.94 -16.32
N ASN A 81 24.63 25.56 -15.96
CA ASN A 81 23.76 26.35 -15.09
C ASN A 81 23.56 25.70 -13.72
N GLU A 82 24.43 24.75 -13.36
CA GLU A 82 24.20 23.94 -12.16
C GLU A 82 24.28 24.77 -10.89
N HIS A 83 25.09 25.84 -10.87
CA HIS A 83 25.25 26.64 -9.68
C HIS A 83 23.94 27.26 -9.20
N ASN A 84 22.91 27.27 -10.05
CA ASN A 84 21.62 27.86 -9.72
C ASN A 84 20.62 26.83 -9.20
N PHE A 85 21.08 25.70 -8.68
CA PHE A 85 20.21 24.67 -8.15
C PHE A 85 20.83 24.07 -6.90
N ASN A 86 20.04 24.00 -5.83
CA ASN A 86 20.51 23.54 -4.54
C ASN A 86 19.42 22.71 -3.87
N LEU A 87 19.82 21.94 -2.85
CA LEU A 87 18.88 21.06 -2.17
C LEU A 87 17.89 21.82 -1.31
N ASP A 88 18.20 23.04 -0.90
CA ASP A 88 17.29 23.80 -0.04
C ASP A 88 16.11 24.35 -0.82
N THR A 89 16.37 24.95 -1.99
CA THR A 89 15.31 25.55 -2.78
C THR A 89 14.61 24.51 -3.66
N HIS A 90 15.37 23.88 -4.55
CA HIS A 90 14.81 22.97 -5.54
C HIS A 90 14.77 21.52 -5.05
N GLY A 91 15.66 21.15 -4.13
CA GLY A 91 15.72 19.79 -3.63
C GLY A 91 16.73 18.90 -4.30
N PHE A 92 17.53 19.43 -5.23
CA PHE A 92 18.53 18.61 -5.90
C PHE A 92 19.74 19.47 -6.25
N ALA A 93 20.87 18.80 -6.47
CA ALA A 93 22.12 19.49 -6.77
C ALA A 93 23.04 18.55 -7.53
N TRP A 94 23.73 19.10 -8.53
CA TRP A 94 24.81 18.41 -9.22
C TRP A 94 26.14 18.91 -8.69
N VAL A 95 26.99 17.99 -8.26
CA VAL A 95 28.26 18.36 -7.63
C VAL A 95 29.41 17.62 -8.31
N LYS A 96 30.55 18.27 -8.38
CA LYS A 96 31.79 17.60 -8.75
C LYS A 96 32.27 16.78 -7.57
N HIS A 97 32.25 15.46 -7.68
CA HIS A 97 32.81 14.62 -6.60
C HIS A 97 33.61 13.48 -7.19
N LYS A 98 34.87 13.36 -6.86
CA LYS A 98 35.67 12.26 -7.44
C LYS A 98 35.71 11.07 -6.48
N THR A 99 35.75 9.86 -7.01
CA THR A 99 35.85 8.65 -6.15
C THR A 99 36.90 7.71 -6.73
N SER A 100 37.56 6.95 -5.87
CA SER A 100 38.54 5.97 -6.32
C SER A 100 37.89 4.71 -6.88
N VAL A 101 36.62 4.48 -6.59
CA VAL A 101 35.93 3.26 -6.98
C VAL A 101 35.47 3.35 -8.42
N THR A 102 35.60 2.25 -9.16
CA THR A 102 35.34 2.26 -10.60
C THR A 102 34.40 1.14 -11.04
N GLU A 103 34.47 -0.02 -10.39
CA GLU A 103 33.57 -1.13 -10.67
C GLU A 103 32.42 -1.11 -9.68
N PHE A 104 31.20 -1.17 -10.21
CA PHE A 104 30.01 -0.96 -9.40
C PHE A 104 29.00 -2.09 -9.45
N ALA A 105 29.21 -3.12 -10.27
CA ALA A 105 28.22 -4.18 -10.43
C ALA A 105 28.34 -5.27 -9.38
N ASP A 106 29.41 -5.29 -8.59
CA ASP A 106 29.55 -6.22 -7.47
C ASP A 106 29.03 -5.53 -6.23
N TYR A 107 27.82 -5.93 -5.80
CA TYR A 107 27.21 -5.30 -4.63
C TYR A 107 28.08 -5.50 -3.38
N LEU A 108 28.63 -6.71 -3.21
CA LEU A 108 29.44 -6.99 -2.04
C LEU A 108 30.71 -6.15 -2.04
N ALA A 109 31.40 -6.07 -3.18
CA ALA A 109 32.65 -5.30 -3.25
C ALA A 109 32.41 -3.82 -2.97
N ILE A 110 31.24 -3.29 -3.34
CA ILE A 110 30.93 -1.90 -3.07
C ILE A 110 30.69 -1.68 -1.58
N ARG A 111 29.87 -2.55 -0.97
CA ARG A 111 29.53 -2.39 0.44
C ARG A 111 30.76 -2.53 1.34
N GLN A 112 31.70 -3.37 0.95
CA GLN A 112 32.91 -3.59 1.75
C GLN A 112 34.07 -2.71 1.33
N GLY A 113 33.88 -1.84 0.33
CA GLY A 113 34.91 -0.92 -0.08
C GLY A 113 34.71 0.45 0.54
N PRO A 114 35.42 1.45 0.03
CA PRO A 114 35.35 2.80 0.60
C PRO A 114 34.28 3.71 0.03
N TYR A 115 33.46 3.23 -0.91
CA TYR A 115 32.54 4.13 -1.63
C TYR A 115 31.55 4.78 -0.68
N TYR A 116 30.95 4.00 0.22
CA TYR A 116 29.97 4.57 1.14
C TYR A 116 30.58 5.66 2.00
N GLY A 117 31.81 5.47 2.45
CA GLY A 117 32.44 6.50 3.26
C GLY A 117 32.79 7.74 2.45
N GLU A 118 33.07 7.58 1.17
CA GLU A 118 33.43 8.78 0.37
C GLU A 118 32.17 9.57 0.05
N VAL A 119 31.07 8.88 -0.09
CA VAL A 119 29.76 9.53 -0.35
C VAL A 119 29.39 10.28 0.93
N ALA A 120 29.67 9.67 2.07
CA ALA A 120 29.32 10.30 3.33
C ALA A 120 30.06 11.62 3.53
N GLU A 121 31.39 11.60 3.34
CA GLU A 121 32.19 12.81 3.54
C GLU A 121 31.70 13.94 2.63
N MET A 122 31.43 13.63 1.37
CA MET A 122 30.99 14.66 0.43
C MET A 122 29.64 15.22 0.84
N LEU A 123 28.67 14.33 1.13
CA LEU A 123 27.33 14.78 1.49
C LEU A 123 27.35 15.60 2.78
N LYS A 124 28.11 15.12 3.78
CA LYS A 124 28.27 15.89 5.02
C LYS A 124 28.85 17.27 4.74
N ARG A 125 29.79 17.35 3.80
CA ARG A 125 30.39 18.63 3.45
C ARG A 125 29.41 19.52 2.69
N VAL A 126 28.61 18.93 1.80
CA VAL A 126 27.72 19.72 0.96
C VAL A 126 26.50 20.18 1.76
N THR A 127 25.98 19.34 2.67
CA THR A 127 24.76 19.65 3.39
C THR A 127 25.00 20.27 4.76
N GLY A 128 26.24 20.31 5.24
CA GLY A 128 26.48 20.76 6.60
C GLY A 128 25.89 19.85 7.66
N ALA A 129 25.64 18.59 7.32
CA ALA A 129 25.03 17.65 8.24
C ALA A 129 25.98 17.32 9.38
N THR A 130 25.40 16.98 10.53
CA THR A 130 26.20 16.53 11.66
C THR A 130 26.50 15.04 11.60
N LYS A 131 25.73 14.27 10.83
CA LYS A 131 25.91 12.84 10.75
C LYS A 131 25.25 12.34 9.46
N VAL A 132 25.92 11.40 8.78
CA VAL A 132 25.42 10.86 7.53
C VAL A 132 25.50 9.34 7.61
N HIS A 133 24.35 8.69 7.41
CA HIS A 133 24.24 7.24 7.41
C HIS A 133 23.98 6.79 5.98
N VAL A 134 24.95 6.08 5.39
CA VAL A 134 24.79 5.52 4.05
C VAL A 134 24.29 4.09 4.20
N ILE A 135 23.09 3.82 3.72
CA ILE A 135 22.39 2.57 3.99
C ILE A 135 22.62 1.54 2.89
N GLY A 136 22.61 1.97 1.64
CA GLY A 136 22.78 1.03 0.54
C GLY A 136 22.71 1.75 -0.78
N HIS A 137 22.71 0.94 -1.85
CA HIS A 137 22.68 1.47 -3.20
C HIS A 137 21.99 0.50 -4.12
N LEU A 138 21.61 0.99 -5.31
CA LEU A 138 21.00 0.18 -6.35
C LEU A 138 21.75 0.42 -7.64
N HIS A 139 22.12 -0.66 -8.33
CA HIS A 139 22.87 -0.60 -9.57
C HIS A 139 21.94 -0.86 -10.75
N ARG A 140 21.95 0.06 -11.71
CA ARG A 140 21.18 -0.07 -12.93
C ARG A 140 22.11 -0.10 -14.13
N SER A 141 21.84 -0.98 -15.09
CA SER A 141 22.76 -1.17 -16.20
C SER A 141 22.07 -1.81 -17.41
N LEU A 142 20.80 -2.17 -17.28
CA LEU A 142 20.08 -2.78 -18.39
C LEU A 142 19.42 -1.72 -19.25
N ASN A 143 19.31 -2.00 -20.54
CA ASN A 143 18.60 -1.12 -21.46
C ASN A 143 17.10 -1.37 -21.35
N TYR A 144 16.31 -0.30 -21.32
CA TYR A 144 14.88 -0.44 -21.06
C TYR A 144 14.18 -1.18 -22.19
N ASN A 145 14.39 -0.73 -23.43
CA ASN A 145 13.68 -1.31 -24.56
C ASN A 145 14.04 -2.78 -24.76
N ASP A 146 15.34 -3.07 -24.81
CA ASP A 146 15.79 -4.45 -25.01
C ASP A 146 15.23 -5.38 -23.93
N THR A 147 15.18 -4.90 -22.69
CA THR A 147 14.66 -5.72 -21.61
C THR A 147 13.17 -5.99 -21.77
N THR A 148 12.39 -4.97 -22.17
CA THR A 148 10.99 -5.19 -22.50
C THR A 148 10.85 -6.27 -23.56
N GLU A 149 11.69 -6.23 -24.59
CA GLU A 149 11.65 -7.23 -25.65
C GLU A 149 12.10 -8.59 -25.13
N GLU A 150 13.25 -8.65 -24.47
CA GLU A 150 13.80 -9.93 -24.02
C GLU A 150 12.88 -10.62 -23.02
N GLU A 151 12.08 -9.87 -22.27
CA GLU A 151 11.25 -10.42 -21.20
C GLU A 151 9.77 -10.47 -21.56
N LYS A 152 9.41 -10.26 -22.82
CA LYS A 152 8.00 -10.10 -23.17
C LYS A 152 7.18 -11.35 -22.90
N ASN A 153 7.81 -12.52 -22.80
CA ASN A 153 7.12 -13.76 -22.50
C ASN A 153 7.28 -14.21 -21.05
N ALA A 154 7.97 -13.42 -20.22
CA ALA A 154 8.22 -13.80 -18.84
C ALA A 154 7.03 -13.42 -17.96
N PRO A 155 6.75 -14.22 -16.93
CA PRO A 155 5.64 -13.90 -16.03
C PRO A 155 5.86 -12.60 -15.28
N ASP A 156 4.76 -11.96 -14.90
CA ASP A 156 4.80 -10.63 -14.31
C ASP A 156 5.74 -10.54 -13.11
N MET A 157 5.69 -11.54 -12.22
CA MET A 157 6.41 -11.48 -10.96
C MET A 157 7.85 -11.96 -11.05
N THR A 158 8.30 -12.40 -12.23
CA THR A 158 9.71 -12.69 -12.44
C THR A 158 10.54 -11.43 -12.15
N MET A 159 11.74 -11.64 -11.61
CA MET A 159 12.65 -10.55 -11.30
C MET A 159 13.79 -10.53 -12.32
N THR A 160 13.97 -9.40 -12.99
CA THR A 160 15.01 -9.26 -13.99
C THR A 160 16.39 -9.47 -13.36
N LYS A 161 17.29 -10.03 -14.17
CA LYS A 161 18.70 -10.18 -13.75
C LYS A 161 19.34 -8.84 -14.04
N GLY A 162 19.47 -8.01 -13.02
CA GLY A 162 19.92 -6.63 -13.20
C GLY A 162 18.76 -5.65 -13.15
N GLN A 163 19.03 -4.36 -13.32
CA GLN A 163 17.93 -3.38 -13.18
C GLN A 163 17.89 -2.39 -14.33
N THR A 164 16.72 -2.09 -14.83
CA THR A 164 16.57 -1.07 -15.90
C THR A 164 16.34 0.32 -15.29
N PRO A 165 16.34 1.34 -16.12
CA PRO A 165 16.08 2.69 -15.67
C PRO A 165 14.69 2.86 -15.03
N GLY A 166 14.63 3.72 -14.02
CA GLY A 166 13.38 4.10 -13.36
C GLY A 166 12.66 5.08 -14.24
N ARG A 167 11.95 4.53 -15.21
CA ARG A 167 11.30 5.34 -16.24
C ARG A 167 9.87 5.72 -15.86
N PHE A 168 9.70 6.33 -14.69
CA PHE A 168 8.41 6.87 -14.30
C PHE A 168 8.60 7.85 -13.15
N VAL A 169 7.73 8.86 -13.10
CA VAL A 169 7.85 9.91 -12.09
C VAL A 169 7.55 9.33 -10.71
N HIS A 170 8.43 9.61 -9.76
CA HIS A 170 8.30 9.06 -8.42
C HIS A 170 9.19 9.83 -7.47
N VAL A 171 8.89 9.67 -6.17
CA VAL A 171 9.80 10.03 -5.09
C VAL A 171 10.01 8.77 -4.27
N ASP A 172 11.29 8.42 -4.05
CA ASP A 172 11.61 7.11 -3.48
C ASP A 172 10.99 6.89 -2.11
N GLN A 173 10.69 7.96 -1.36
CA GLN A 173 10.04 7.83 -0.07
C GLN A 173 8.98 8.90 0.06
N SER A 174 7.80 8.51 0.51
CA SER A 174 6.78 9.45 0.93
C SER A 174 7.13 9.95 2.33
N TYR A 175 6.25 10.76 2.93
CA TYR A 175 6.47 11.16 4.30
C TYR A 175 6.36 9.97 5.24
N GLN A 176 5.32 9.15 5.05
CA GLN A 176 5.20 7.91 5.80
C GLN A 176 6.35 6.96 5.48
N GLY A 177 6.67 6.81 4.19
CA GLY A 177 7.74 5.92 3.81
C GLY A 177 9.10 6.31 4.36
N ALA A 178 9.32 7.61 4.54
CA ALA A 178 10.59 8.07 5.12
C ALA A 178 10.72 7.61 6.56
N VAL A 179 9.64 7.73 7.35
CA VAL A 179 9.67 7.25 8.73
C VAL A 179 9.85 5.73 8.74
N ARG A 180 9.16 5.03 7.84
CA ARG A 180 9.29 3.57 7.77
C ARG A 180 10.73 3.16 7.49
N ARG A 181 11.40 3.87 6.58
CA ARG A 181 12.78 3.52 6.25
C ARG A 181 13.70 3.77 7.44
N LEU A 182 13.49 4.88 8.16
CA LEU A 182 14.36 5.22 9.27
C LEU A 182 14.39 4.11 10.32
N TYR A 183 13.22 3.56 10.65
CA TYR A 183 13.16 2.52 11.66
C TYR A 183 13.48 1.14 11.09
N LEU A 184 13.48 0.99 9.78
CA LEU A 184 13.93 -0.26 9.17
C LEU A 184 15.44 -0.28 8.99
N ASP A 185 16.05 0.87 8.74
CA ASP A 185 17.48 0.95 8.41
C ASP A 185 18.36 1.32 9.59
N LEU A 186 17.80 1.88 10.65
CA LEU A 186 18.54 2.22 11.85
C LEU A 186 18.05 1.38 13.02
N PRO A 187 18.87 1.17 14.04
CA PRO A 187 18.36 0.54 15.27
C PRO A 187 17.30 1.43 15.89
N GLN A 188 16.37 0.80 16.62
CA GLN A 188 15.15 1.49 17.03
C GLN A 188 15.46 2.75 17.85
N GLU A 189 16.51 2.70 18.67
CA GLU A 189 16.77 3.83 19.56
C GLU A 189 17.52 4.96 18.87
N GLU A 190 18.44 4.64 17.97
CA GLU A 190 19.07 5.68 17.17
C GLU A 190 18.05 6.35 16.25
N ALA A 191 17.09 5.57 15.75
CA ALA A 191 16.02 6.14 14.93
C ALA A 191 15.13 7.06 15.76
N ARG A 192 14.87 6.70 17.02
CA ARG A 192 14.04 7.55 17.88
C ARG A 192 14.80 8.80 18.32
N ARG A 193 16.11 8.66 18.58
CA ARG A 193 16.90 9.82 18.97
C ARG A 193 17.03 10.81 17.82
N LEU A 194 17.39 10.32 16.63
CA LEU A 194 17.60 11.20 15.50
C LEU A 194 16.31 11.79 14.95
N GLU A 195 15.16 11.19 15.26
CA GLU A 195 13.89 11.77 14.86
C GLU A 195 13.58 13.05 15.61
N LYS A 196 14.31 13.37 16.67
CA LYS A 196 14.10 14.56 17.47
C LYS A 196 14.83 15.78 16.93
N THR A 197 15.63 15.61 15.86
CA THR A 197 16.27 16.71 15.17
C THR A 197 16.03 16.56 13.68
N ARG A 198 16.43 17.58 12.91
CA ARG A 198 16.16 17.59 11.48
C ARG A 198 16.89 16.46 10.79
N TRP A 199 16.18 15.73 9.93
CA TRP A 199 16.77 14.63 9.17
C TRP A 199 16.17 14.59 7.77
N ALA A 200 16.90 13.97 6.85
CA ALA A 200 16.53 13.97 5.45
C ALA A 200 17.05 12.72 4.76
N ILE A 201 16.36 12.34 3.66
CA ILE A 201 16.76 11.22 2.82
C ILE A 201 17.18 11.77 1.47
N ILE A 202 18.39 11.39 1.03
CA ILE A 202 18.96 11.89 -0.22
C ILE A 202 19.63 10.73 -0.94
N ASN A 203 19.28 10.54 -2.22
CA ASN A 203 19.98 9.60 -3.08
C ASN A 203 21.11 10.32 -3.81
N VAL A 204 22.27 9.66 -3.85
CA VAL A 204 23.43 10.17 -4.57
C VAL A 204 23.57 9.32 -5.84
N TRP A 205 23.34 9.93 -6.98
CA TRP A 205 23.24 9.24 -8.26
C TRP A 205 24.47 9.55 -9.09
N ARG A 206 25.26 8.53 -9.41
CA ARG A 206 26.48 8.69 -10.18
C ARG A 206 26.50 7.69 -11.33
N PRO A 207 26.79 8.13 -12.55
CA PRO A 207 26.92 7.18 -13.65
C PRO A 207 28.26 6.46 -13.61
N VAL A 208 28.25 5.23 -14.15
CA VAL A 208 29.51 4.49 -14.29
C VAL A 208 30.41 5.17 -15.31
N ARG A 209 29.81 5.83 -16.30
CA ARG A 209 30.57 6.52 -17.35
C ARG A 209 29.70 7.64 -17.89
N LYS A 210 30.30 8.47 -18.75
CA LYS A 210 29.61 9.61 -19.36
C LYS A 210 28.26 9.19 -19.92
N VAL A 211 27.21 9.87 -19.47
CA VAL A 211 25.85 9.48 -19.81
C VAL A 211 25.55 9.91 -21.25
N THR A 212 25.40 8.93 -22.14
CA THR A 212 25.03 9.18 -23.52
C THR A 212 23.67 8.59 -23.88
N ASN A 213 22.95 8.03 -22.91
CA ASN A 213 21.58 7.57 -23.15
C ASN A 213 20.86 7.47 -21.81
N GLU A 214 19.54 7.63 -21.87
CA GLU A 214 18.63 7.57 -20.73
C GLU A 214 19.13 8.37 -19.53
N PRO A 215 19.21 9.70 -19.63
CA PRO A 215 19.63 10.50 -18.47
C PRO A 215 18.57 10.56 -17.38
N LEU A 216 18.85 11.28 -16.30
CA LEU A 216 17.99 11.32 -15.12
C LEU A 216 17.44 12.73 -14.94
N ALA A 217 16.12 12.85 -15.04
CA ALA A 217 15.45 14.14 -14.87
C ALA A 217 15.03 14.33 -13.42
N VAL A 218 15.11 15.57 -12.95
CA VAL A 218 14.68 15.94 -11.61
C VAL A 218 13.72 17.11 -11.71
N CYS A 219 12.73 17.14 -10.81
CA CYS A 219 11.63 18.09 -10.89
C CYS A 219 11.68 19.02 -9.69
N ASP A 220 11.69 20.33 -9.96
CA ASP A 220 11.65 21.37 -8.94
C ASP A 220 10.56 21.10 -7.90
N ALA A 221 10.98 20.86 -6.66
CA ALA A 221 10.03 20.53 -5.59
C ALA A 221 8.94 21.59 -5.45
N ARG A 222 9.27 22.86 -5.71
CA ARG A 222 8.30 23.93 -5.54
C ARG A 222 7.19 23.90 -6.59
N SER A 223 7.41 23.21 -7.71
CA SER A 223 6.46 23.23 -8.81
C SER A 223 5.44 22.10 -8.75
N VAL A 224 5.50 21.25 -7.74
CA VAL A 224 4.51 20.19 -7.52
C VAL A 224 3.84 20.45 -6.18
N ARG A 225 2.51 20.46 -6.19
CA ARG A 225 1.75 20.73 -4.98
C ARG A 225 1.61 19.45 -4.15
N GLU A 226 1.24 19.63 -2.88
CA GLU A 226 1.06 18.49 -1.99
C GLU A 226 -0.03 17.56 -2.49
N ASP A 227 -1.14 18.11 -2.99
CA ASP A 227 -2.27 17.30 -3.41
C ASP A 227 -2.02 16.56 -4.71
N GLU A 228 -0.85 16.73 -5.34
CA GLU A 228 -0.47 15.92 -6.50
C GLU A 228 0.30 14.67 -6.11
N LEU A 229 0.59 14.49 -4.83
CA LEU A 229 1.37 13.37 -4.34
C LEU A 229 0.44 12.31 -3.74
N PHE A 230 0.72 11.05 -4.06
CA PHE A 230 -0.09 9.94 -3.60
C PHE A 230 0.82 8.88 -3.01
N ASN A 231 0.63 8.59 -1.73
CA ASN A 231 1.37 7.52 -1.07
C ASN A 231 1.12 6.22 -1.81
N THR A 232 2.18 5.66 -2.39
CA THR A 232 2.10 4.46 -3.20
C THR A 232 3.05 3.42 -2.67
N LEU A 233 2.52 2.23 -2.39
CA LEU A 233 3.30 1.18 -1.77
C LEU A 233 4.19 0.50 -2.81
N HIS A 234 5.40 0.12 -2.39
CA HIS A 234 6.46 -0.34 -3.27
C HIS A 234 7.06 -1.61 -2.67
N LEU A 235 6.97 -2.72 -3.40
CA LEU A 235 7.37 -4.03 -2.88
C LEU A 235 8.35 -4.72 -3.81
N VAL A 236 9.32 -5.41 -3.21
CA VAL A 236 10.30 -6.21 -3.92
C VAL A 236 10.23 -7.64 -3.35
N PRO A 237 9.82 -8.63 -4.14
CA PRO A 237 9.61 -9.98 -3.60
C PRO A 237 10.90 -10.79 -3.45
N MET A 238 11.84 -10.24 -2.69
CA MET A 238 13.06 -10.98 -2.40
C MET A 238 12.74 -12.21 -1.55
N ARG A 239 13.44 -13.31 -1.85
CA ARG A 239 13.39 -14.53 -1.04
C ARG A 239 11.97 -15.09 -0.93
N TRP A 240 11.14 -14.83 -1.94
CA TRP A 240 9.81 -15.43 -1.99
C TRP A 240 9.93 -16.94 -2.17
N PRO A 241 9.06 -17.75 -1.54
CA PRO A 241 7.94 -17.44 -0.65
C PRO A 241 8.30 -17.42 0.84
N ASP A 242 9.59 -17.57 1.17
CA ASP A 242 10.00 -17.63 2.57
C ASP A 242 9.88 -16.30 3.29
N ALA A 243 9.72 -15.20 2.58
CA ALA A 243 9.67 -13.89 3.19
C ALA A 243 8.62 -13.03 2.51
N ALA A 244 7.87 -12.28 3.30
CA ALA A 244 7.03 -11.24 2.75
C ALA A 244 7.88 -10.29 1.92
N PRO A 245 7.39 -9.80 0.79
CA PRO A 245 8.18 -8.85 -0.01
C PRO A 245 8.60 -7.66 0.82
N GLN A 246 9.79 -7.14 0.51
CA GLN A 246 10.32 -5.99 1.24
C GLN A 246 9.42 -4.78 1.01
N GLU A 247 9.04 -4.11 2.10
CA GLU A 247 8.05 -3.05 2.05
C GLU A 247 8.72 -1.68 1.98
N ASN A 248 8.08 -0.79 1.25
CA ASN A 248 8.53 0.59 1.08
C ASN A 248 7.33 1.40 0.62
N GLN A 249 7.37 2.70 0.86
CA GLN A 249 6.27 3.57 0.47
C GLN A 249 6.82 4.81 -0.24
N MET A 250 6.32 5.03 -1.45
CA MET A 250 6.80 6.06 -2.36
C MET A 250 5.74 7.13 -2.56
N TRP A 251 6.15 8.22 -3.20
CA TRP A 251 5.23 9.18 -3.78
C TRP A 251 5.00 8.83 -5.24
N ALA A 252 3.73 8.68 -5.62
CA ALA A 252 3.34 8.78 -7.01
C ALA A 252 2.83 10.20 -7.24
N VAL A 253 2.97 10.67 -8.49
CA VAL A 253 2.78 12.08 -8.79
C VAL A 253 1.73 12.22 -9.89
N ALA A 254 0.74 13.07 -9.64
CA ALA A 254 -0.35 13.28 -10.58
C ALA A 254 0.15 13.94 -11.86
N PRO A 255 -0.51 13.67 -12.99
CA PRO A 255 -0.03 14.24 -14.26
C PRO A 255 -0.27 15.73 -14.32
N PRO A 256 0.60 16.48 -15.00
CA PRO A 256 0.38 17.91 -15.19
C PRO A 256 -0.48 18.21 -16.40
N LYS A 257 -1.19 19.33 -16.34
CA LYS A 257 -1.98 19.79 -17.47
C LYS A 257 -1.15 20.42 -18.58
N THR A 258 0.15 20.60 -18.36
CA THR A 258 0.96 21.47 -19.18
C THR A 258 2.39 20.94 -19.23
N PRO A 259 3.09 21.08 -20.36
CA PRO A 259 4.48 20.63 -20.42
C PRO A 259 5.40 21.30 -19.42
N THR A 260 5.12 22.55 -19.04
CA THR A 260 6.00 23.30 -18.14
C THR A 260 5.39 23.54 -16.76
N GLN A 261 4.23 22.99 -16.47
CA GLN A 261 3.66 23.13 -15.14
C GLN A 261 4.60 22.57 -14.08
N HIS A 262 5.10 21.36 -14.29
CA HIS A 262 6.21 20.83 -13.51
C HIS A 262 7.51 21.28 -14.15
N LYS A 263 8.45 21.72 -13.32
CA LYS A 263 9.70 22.32 -13.80
C LYS A 263 10.80 21.26 -13.76
N TRP A 264 11.07 20.65 -14.92
CA TRP A 264 11.98 19.53 -15.03
C TRP A 264 13.37 20.00 -15.46
N HIS A 265 14.39 19.28 -14.98
CA HIS A 265 15.77 19.64 -15.26
C HIS A 265 16.64 18.37 -15.28
N TYR A 266 17.71 18.44 -16.05
CA TYR A 266 18.75 17.42 -16.06
C TYR A 266 20.06 18.07 -16.48
N VAL A 267 21.14 17.29 -16.44
CA VAL A 267 22.45 17.74 -16.89
C VAL A 267 22.98 16.73 -17.89
N SER A 268 23.24 17.17 -19.11
CA SER A 268 23.75 16.28 -20.14
C SER A 268 25.21 15.95 -19.90
N GLY A 269 25.60 14.74 -20.30
CA GLY A 269 27.00 14.34 -20.25
C GLY A 269 27.55 14.18 -18.84
N MET A 270 26.71 13.84 -17.88
CA MET A 270 27.17 13.62 -16.52
C MET A 270 28.16 12.45 -16.48
N THR A 271 29.30 12.67 -15.82
CA THR A 271 30.38 11.71 -15.78
C THR A 271 30.46 11.04 -14.42
N GLU A 272 31.28 9.99 -14.36
CA GLU A 272 31.53 9.30 -13.10
C GLU A 272 32.23 10.17 -12.07
N ASP A 273 32.76 11.33 -12.48
CA ASP A 273 33.30 12.31 -11.56
C ASP A 273 32.25 13.26 -11.01
N GLU A 274 30.97 13.01 -11.30
CA GLU A 274 29.89 13.89 -10.90
C GLU A 274 28.81 13.09 -10.20
N ALA A 275 28.10 13.77 -9.30
CA ALA A 275 27.07 13.13 -8.49
C ALA A 275 25.83 14.01 -8.49
N LEU A 276 24.67 13.40 -8.73
CA LEU A 276 23.39 14.08 -8.65
C LEU A 276 22.74 13.77 -7.30
N LEU A 277 22.60 14.78 -6.46
CA LEU A 277 21.98 14.62 -5.16
C LEU A 277 20.48 14.93 -5.28
N ILE A 278 19.66 14.01 -4.79
CA ILE A 278 18.20 14.09 -4.93
C ILE A 278 17.58 13.94 -3.56
N LYS A 279 17.00 15.01 -3.03
CA LYS A 279 16.34 14.98 -1.72
C LYS A 279 14.99 14.28 -1.87
N MET A 280 14.85 13.11 -1.25
CA MET A 280 13.57 12.41 -1.24
C MET A 280 12.67 12.90 -0.12
N PHE A 281 13.25 13.27 1.02
CA PHE A 281 12.46 13.66 2.18
C PHE A 281 13.31 14.58 3.05
N ASP A 282 12.64 15.55 3.68
CA ASP A 282 13.25 16.38 4.71
C ASP A 282 12.20 16.63 5.78
N SER A 283 12.59 16.42 7.04
CA SER A 283 11.64 16.58 8.14
C SER A 283 11.18 18.02 8.31
N LYS A 284 11.96 18.98 7.81
CA LYS A 284 11.65 20.39 7.99
C LYS A 284 10.57 20.83 7.01
N LYS A 285 9.44 21.31 7.54
CA LYS A 285 8.26 21.57 6.73
C LYS A 285 8.30 22.94 6.08
N ASP A 286 8.69 23.98 6.81
CA ASP A 286 8.81 25.32 6.26
C ASP A 286 10.27 25.63 5.95
N GLY A 287 10.50 26.31 4.83
CA GLY A 287 11.79 26.87 4.51
C GLY A 287 12.73 25.97 3.72
N THR A 288 12.30 24.76 3.36
CA THR A 288 13.17 23.89 2.56
C THR A 288 12.30 22.97 1.71
N ALA A 289 12.82 22.65 0.52
CA ALA A 289 12.19 21.65 -0.32
C ALA A 289 12.22 20.29 0.36
N ARG A 290 11.14 19.54 0.22
CA ARG A 290 10.97 18.31 0.99
C ARG A 290 10.96 17.05 0.16
N ARG A 291 10.81 17.14 -1.16
CA ARG A 291 10.64 15.94 -1.96
C ARG A 291 10.85 16.29 -3.43
N VAL A 292 11.52 15.41 -4.16
CA VAL A 292 11.81 15.67 -5.56
C VAL A 292 11.28 14.55 -6.43
N PRO A 293 10.22 14.78 -7.20
CA PRO A 293 9.87 13.84 -8.27
C PRO A 293 11.01 13.74 -9.27
N HIS A 294 11.31 12.51 -9.69
CA HIS A 294 12.38 12.29 -10.65
C HIS A 294 12.03 11.08 -11.49
N SER A 295 12.69 10.99 -12.65
CA SER A 295 12.46 9.89 -13.57
C SER A 295 13.54 9.90 -14.65
N SER A 296 13.99 8.72 -15.03
CA SER A 296 14.82 8.60 -16.22
C SER A 296 13.96 8.82 -17.46
N PHE A 297 14.60 9.29 -18.52
CA PHE A 297 13.86 9.52 -19.77
C PHE A 297 14.77 9.23 -20.95
N PRO A 298 14.22 8.69 -22.02
CA PRO A 298 14.99 8.56 -23.26
C PRO A 298 15.03 9.85 -24.04
N THR A 299 16.15 10.08 -24.69
CA THR A 299 16.19 11.15 -25.67
C THR A 299 16.33 10.55 -27.06
N PRO A 300 15.85 11.22 -28.10
CA PRO A 300 16.08 10.70 -29.47
C PRO A 300 17.54 10.67 -29.84
N ASP A 301 18.39 11.38 -29.11
CA ASP A 301 19.83 11.37 -29.34
C ASP A 301 20.56 10.35 -28.46
N ASP A 302 19.81 9.44 -27.84
CA ASP A 302 20.43 8.37 -27.05
C ASP A 302 21.30 7.50 -27.95
N PHE A 303 22.49 7.16 -27.45
CA PHE A 303 23.39 6.28 -28.19
C PHE A 303 24.38 5.66 -27.21
N GLY A 304 25.07 4.62 -27.68
CA GLY A 304 26.08 3.95 -26.91
C GLY A 304 25.54 2.78 -26.11
N GLU A 305 26.46 2.06 -25.47
CA GLU A 305 26.08 0.95 -24.61
C GLU A 305 25.21 1.46 -23.46
N PRO A 306 24.36 0.60 -22.88
CA PRO A 306 23.33 1.09 -21.96
C PRO A 306 23.91 1.87 -20.79
N ARG A 307 23.20 2.94 -20.42
CA ARG A 307 23.56 3.73 -19.26
C ARG A 307 23.69 2.85 -18.02
N ALA A 308 24.78 3.03 -17.28
CA ALA A 308 25.02 2.34 -16.03
C ALA A 308 25.23 3.35 -14.92
N SER A 309 24.68 3.06 -13.75
CA SER A 309 24.73 4.02 -12.66
C SER A 309 24.49 3.30 -11.33
N THR A 310 24.90 3.95 -10.25
CA THR A 310 24.51 3.58 -8.91
C THR A 310 23.85 4.77 -8.23
N GLU A 311 22.77 4.50 -7.50
CA GLU A 311 22.13 5.47 -6.64
C GLU A 311 22.25 4.95 -5.22
N THR A 312 22.95 5.70 -4.36
CA THR A 312 23.21 5.27 -2.99
C THR A 312 22.34 6.06 -2.03
N ARG A 313 21.59 5.34 -1.20
CA ARG A 313 20.57 5.93 -0.34
C ARG A 313 21.17 6.36 0.98
N CYS A 314 20.97 7.61 1.35
CA CYS A 314 21.63 8.20 2.51
C CYS A 314 20.62 8.89 3.42
N PHE A 315 20.77 8.66 4.72
CA PHE A 315 20.10 9.46 5.73
C PHE A 315 21.03 10.60 6.13
N VAL A 316 20.45 11.80 6.24
CA VAL A 316 21.20 13.01 6.56
C VAL A 316 20.59 13.63 7.80
N PHE A 317 21.42 13.91 8.80
CA PHE A 317 20.96 14.42 10.10
C PHE A 317 21.65 15.73 10.42
N TRP A 318 20.88 16.67 10.98
CA TRP A 318 21.40 17.91 11.55
C TRP A 318 21.03 17.91 13.02
N GLU A 319 21.92 17.40 13.87
CA GLU A 319 21.61 17.35 15.29
C GLU A 319 21.65 18.71 15.97
N ASP A 320 22.10 19.76 15.27
CA ASP A 320 21.95 21.12 15.78
C ASP A 320 20.49 21.56 15.72
N GLN A 321 19.81 21.22 14.63
CA GLN A 321 18.51 21.80 14.31
C GLN A 321 17.40 20.97 14.95
N GLU A 322 16.61 21.61 15.80
CA GLU A 322 15.47 20.95 16.43
C GLU A 322 14.45 20.51 15.40
N LYS B 35 -24.03 -16.01 28.22
CA LYS B 35 -23.20 -15.03 28.90
C LYS B 35 -23.43 -13.63 28.34
N PRO B 36 -23.39 -12.61 29.21
CA PRO B 36 -23.72 -11.25 28.76
C PRO B 36 -22.61 -10.57 27.98
N TYR B 37 -21.35 -10.96 28.18
CA TYR B 37 -20.24 -10.34 27.48
C TYR B 37 -19.04 -11.28 27.55
N TYR B 38 -17.96 -10.88 26.90
CA TYR B 38 -16.68 -11.56 27.01
C TYR B 38 -15.57 -10.51 27.07
N ASP B 39 -14.44 -10.91 27.67
CA ASP B 39 -13.23 -10.12 27.70
C ASP B 39 -12.14 -10.94 27.00
N VAL B 40 -11.80 -10.57 25.77
CA VAL B 40 -10.81 -11.29 24.99
C VAL B 40 -9.88 -10.30 24.33
N GLU B 41 -8.61 -10.70 24.21
CA GLU B 41 -7.61 -9.85 23.59
C GLU B 41 -7.83 -9.77 22.08
N PHE B 42 -7.85 -8.55 21.56
CA PHE B 42 -8.05 -8.27 20.15
C PHE B 42 -6.74 -7.81 19.51
N ASN B 43 -6.65 -7.97 18.20
CA ASN B 43 -5.43 -7.64 17.45
C ASN B 43 -5.64 -6.32 16.71
N TYR B 44 -4.94 -5.28 17.17
CA TYR B 44 -5.03 -3.95 16.60
C TYR B 44 -3.75 -3.60 15.85
N ARG B 45 -3.76 -2.42 15.22
CA ARG B 45 -2.65 -2.01 14.37
C ARG B 45 -1.39 -1.77 15.18
N LEU B 46 -0.29 -2.39 14.75
CA LEU B 46 1.04 -2.17 15.32
C LEU B 46 1.76 -1.13 14.46
N ASP B 47 2.10 0.00 15.07
CA ASP B 47 2.72 1.08 14.31
C ASP B 47 4.07 0.65 13.76
N PRO B 48 4.44 1.08 12.54
CA PRO B 48 5.74 0.70 11.98
C PRO B 48 6.92 1.04 12.87
N ARG B 49 6.83 2.14 13.63
CA ARG B 49 7.89 2.46 14.60
C ARG B 49 8.11 1.33 15.58
N ASP B 50 7.06 0.57 15.88
CA ASP B 50 7.14 -0.56 16.81
C ASP B 50 7.28 -1.89 16.09
N GLY B 51 7.67 -1.88 14.82
CA GLY B 51 7.90 -3.10 14.07
C GLY B 51 6.74 -3.59 13.24
N GLY B 52 5.64 -2.83 13.16
CA GLY B 52 4.51 -3.25 12.37
C GLY B 52 4.76 -3.10 10.88
N ASP B 53 4.13 -3.98 10.11
CA ASP B 53 4.08 -3.85 8.66
C ASP B 53 2.73 -3.30 8.25
N GLU B 54 2.59 -3.00 6.96
CA GLU B 54 1.34 -2.43 6.44
C GLU B 54 0.95 -3.10 5.14
N VAL B 55 1.16 -4.41 5.04
CA VAL B 55 0.64 -5.21 3.93
C VAL B 55 -0.06 -6.41 4.52
N ILE B 56 -1.36 -6.52 4.30
CA ILE B 56 -2.15 -7.65 4.76
C ILE B 56 -2.19 -8.67 3.63
N TRP B 57 -1.43 -9.75 3.79
CA TRP B 57 -1.31 -10.77 2.75
C TRP B 57 -2.43 -11.78 2.94
N GLY B 58 -3.60 -11.44 2.38
CA GLY B 58 -4.80 -12.24 2.52
C GLY B 58 -4.65 -13.67 2.03
N GLY B 59 -5.01 -14.62 2.88
CA GLY B 59 -4.98 -16.01 2.53
C GLY B 59 -3.66 -16.71 2.75
N THR B 60 -2.64 -16.01 3.21
CA THR B 60 -1.32 -16.62 3.38
C THR B 60 -1.14 -17.12 4.82
N VAL B 61 -0.24 -18.10 4.96
CA VAL B 61 0.13 -18.57 6.29
C VAL B 61 0.80 -17.45 7.08
N GLY B 62 1.57 -16.61 6.40
CA GLY B 62 2.31 -15.58 7.09
C GLY B 62 1.42 -14.56 7.79
N LEU B 63 0.25 -14.29 7.20
CA LEU B 63 -0.70 -13.38 7.86
C LEU B 63 -1.08 -13.88 9.23
N MET B 64 -1.14 -15.20 9.42
CA MET B 64 -1.40 -15.76 10.73
C MET B 64 -0.26 -15.48 11.70
N ARG B 65 0.93 -15.17 11.19
CA ARG B 65 2.08 -14.82 12.02
C ARG B 65 2.28 -13.32 12.14
N ARG B 66 1.32 -12.53 11.66
CA ARG B 66 1.49 -11.07 11.65
C ARG B 66 1.46 -10.51 13.06
N LYS B 67 2.25 -9.45 13.27
CA LYS B 67 2.38 -8.84 14.58
C LYS B 67 1.35 -7.74 14.77
N TYR B 68 0.81 -7.64 15.99
CA TYR B 68 -0.25 -6.69 16.28
C TYR B 68 -0.07 -6.11 17.67
N GLU B 69 -0.71 -4.96 17.88
CA GLU B 69 -0.91 -4.42 19.22
C GLU B 69 -2.11 -5.12 19.84
N THR B 70 -1.88 -5.93 20.87
CA THR B 70 -2.96 -6.65 21.51
C THR B 70 -3.55 -5.80 22.64
N ARG B 71 -4.87 -5.70 22.66
CA ARG B 71 -5.61 -5.03 23.72
C ARG B 71 -6.81 -5.88 24.10
N THR B 72 -7.06 -5.99 25.40
CA THR B 72 -8.29 -6.63 25.86
C THR B 72 -9.46 -5.69 25.62
N VAL B 73 -10.54 -6.22 25.07
CA VAL B 73 -11.76 -5.46 24.84
C VAL B 73 -12.94 -6.23 25.39
N ARG B 74 -13.99 -5.50 25.77
CA ARG B 74 -15.22 -6.08 26.26
C ARG B 74 -16.24 -6.11 25.14
N ILE B 75 -16.81 -7.28 24.89
CA ILE B 75 -17.73 -7.50 23.78
C ILE B 75 -19.08 -7.90 24.35
N ASN B 76 -20.07 -7.02 24.20
CA ASN B 76 -21.39 -7.26 24.75
C ASN B 76 -22.19 -8.23 23.88
N ASN B 77 -22.74 -9.25 24.51
CA ASN B 77 -23.68 -10.14 23.81
C ASN B 77 -24.99 -9.41 23.59
N GLU B 78 -25.45 -9.40 22.33
CA GLU B 78 -26.67 -8.68 21.96
C GLU B 78 -27.81 -9.61 21.58
N ARG B 79 -27.71 -10.91 21.86
CA ARG B 79 -28.81 -11.82 21.64
C ARG B 79 -30.03 -11.37 22.43
N GLY B 80 -31.15 -11.20 21.73
CA GLY B 80 -32.34 -10.65 22.34
C GLY B 80 -32.38 -9.13 22.38
N ASN B 81 -31.35 -8.46 21.87
CA ASN B 81 -31.28 -7.00 21.85
C ASN B 81 -31.01 -6.46 20.46
N GLU B 82 -31.12 -7.30 19.42
CA GLU B 82 -30.66 -6.93 18.08
C GLU B 82 -31.43 -5.75 17.51
N HIS B 83 -32.68 -5.55 17.94
CA HIS B 83 -33.50 -4.47 17.39
C HIS B 83 -32.93 -3.08 17.72
N ASN B 84 -31.95 -2.99 18.61
CA ASN B 84 -31.38 -1.72 19.03
C ASN B 84 -30.13 -1.34 18.24
N PHE B 85 -29.84 -2.03 17.14
CA PHE B 85 -28.65 -1.77 16.34
C PHE B 85 -29.04 -1.76 14.87
N ASN B 86 -28.58 -0.74 14.13
CA ASN B 86 -28.95 -0.59 12.73
C ASN B 86 -27.77 -0.02 11.95
N LEU B 87 -27.89 -0.05 10.62
CA LEU B 87 -26.82 0.38 9.75
C LEU B 87 -26.62 1.89 9.78
N ASP B 88 -27.69 2.65 9.99
CA ASP B 88 -27.57 4.11 9.93
C ASP B 88 -26.80 4.63 11.14
N THR B 89 -27.12 4.13 12.32
CA THR B 89 -26.54 4.64 13.55
C THR B 89 -25.24 3.94 13.92
N HIS B 90 -25.24 2.61 13.97
CA HIS B 90 -24.07 1.85 14.39
C HIS B 90 -23.26 1.31 13.21
N GLY B 91 -23.88 1.11 12.05
CA GLY B 91 -23.21 0.57 10.90
C GLY B 91 -23.37 -0.92 10.72
N PHE B 92 -24.00 -1.61 11.68
CA PHE B 92 -24.23 -3.05 11.56
C PHE B 92 -25.63 -3.37 12.03
N ALA B 93 -26.10 -4.55 11.64
CA ALA B 93 -27.42 -5.01 12.07
C ALA B 93 -27.47 -6.53 11.90
N TRP B 94 -28.26 -7.16 12.75
CA TRP B 94 -28.59 -8.57 12.64
C TRP B 94 -30.03 -8.69 12.17
N VAL B 95 -30.25 -9.39 11.06
CA VAL B 95 -31.59 -9.57 10.52
C VAL B 95 -31.90 -11.06 10.48
N LYS B 96 -33.19 -11.38 10.61
CA LYS B 96 -33.66 -12.71 10.30
C LYS B 96 -33.81 -12.83 8.80
N HIS B 97 -33.18 -13.85 8.22
CA HIS B 97 -33.26 -14.05 6.75
C HIS B 97 -33.07 -15.52 6.41
N LYS B 98 -34.09 -16.18 5.90
CA LYS B 98 -33.97 -17.60 5.54
C LYS B 98 -33.48 -17.73 4.10
N THR B 99 -32.49 -18.56 3.84
CA THR B 99 -32.03 -18.75 2.45
C THR B 99 -32.36 -20.17 1.99
N SER B 100 -32.50 -20.37 0.69
CA SER B 100 -32.74 -21.72 0.19
C SER B 100 -31.47 -22.55 0.18
N VAL B 101 -30.31 -21.93 0.33
CA VAL B 101 -29.02 -22.61 0.21
C VAL B 101 -28.65 -23.24 1.53
N THR B 102 -27.96 -24.38 1.45
CA THR B 102 -27.47 -25.12 2.61
C THR B 102 -26.03 -25.55 2.51
N GLU B 103 -25.49 -25.78 1.32
CA GLU B 103 -24.08 -26.05 1.11
C GLU B 103 -23.40 -24.80 0.60
N PHE B 104 -22.30 -24.40 1.24
CA PHE B 104 -21.61 -23.17 0.89
C PHE B 104 -20.14 -23.36 0.54
N ALA B 105 -19.61 -24.58 0.65
CA ALA B 105 -18.21 -24.83 0.37
C ALA B 105 -17.87 -24.72 -1.11
N ASP B 106 -18.85 -24.93 -2.00
CA ASP B 106 -18.62 -24.92 -3.44
C ASP B 106 -18.82 -23.50 -3.97
N TYR B 107 -17.74 -22.88 -4.42
CA TYR B 107 -17.81 -21.50 -4.89
C TYR B 107 -18.63 -21.39 -6.18
N LEU B 108 -18.38 -22.28 -7.14
CA LEU B 108 -19.12 -22.21 -8.40
C LEU B 108 -20.60 -22.50 -8.19
N ALA B 109 -20.92 -23.45 -7.32
CA ALA B 109 -22.33 -23.76 -7.05
C ALA B 109 -23.04 -22.56 -6.43
N ILE B 110 -22.37 -21.83 -5.54
CA ILE B 110 -22.94 -20.62 -4.98
C ILE B 110 -23.11 -19.57 -6.08
N ARG B 111 -22.09 -19.42 -6.93
CA ARG B 111 -22.13 -18.46 -8.03
C ARG B 111 -23.37 -18.66 -8.89
N GLN B 112 -23.62 -19.89 -9.31
CA GLN B 112 -24.69 -20.12 -10.26
C GLN B 112 -26.03 -20.45 -9.62
N GLY B 113 -26.10 -20.51 -8.29
CA GLY B 113 -27.35 -20.76 -7.61
C GLY B 113 -28.10 -19.47 -7.28
N PRO B 114 -29.11 -19.58 -6.42
CA PRO B 114 -29.96 -18.43 -6.10
C PRO B 114 -29.50 -17.58 -4.93
N TYR B 115 -28.33 -17.86 -4.34
CA TYR B 115 -27.96 -17.20 -3.09
C TYR B 115 -27.79 -15.69 -3.29
N TYR B 116 -27.08 -15.29 -4.34
CA TYR B 116 -26.83 -13.86 -4.56
C TYR B 116 -28.14 -13.11 -4.75
N GLY B 117 -29.09 -13.71 -5.46
CA GLY B 117 -30.39 -13.06 -5.62
C GLY B 117 -31.16 -12.96 -4.32
N GLU B 118 -31.16 -14.04 -3.52
CA GLU B 118 -31.83 -14.00 -2.23
C GLU B 118 -31.20 -12.96 -1.32
N VAL B 119 -29.88 -12.84 -1.36
CA VAL B 119 -29.19 -11.84 -0.53
C VAL B 119 -29.51 -10.43 -1.02
N ALA B 120 -29.55 -10.24 -2.34
CA ALA B 120 -29.85 -8.92 -2.90
C ALA B 120 -31.27 -8.48 -2.54
N GLU B 121 -32.24 -9.39 -2.65
CA GLU B 121 -33.62 -9.06 -2.31
C GLU B 121 -33.74 -8.65 -0.85
N MET B 122 -33.04 -9.37 0.04
CA MET B 122 -33.09 -9.02 1.47
C MET B 122 -32.48 -7.64 1.71
N LEU B 123 -31.28 -7.41 1.18
CA LEU B 123 -30.55 -6.19 1.52
C LEU B 123 -31.22 -4.95 0.91
N LYS B 124 -31.83 -5.09 -0.25
CA LYS B 124 -32.61 -3.99 -0.81
C LYS B 124 -33.78 -3.66 0.11
N ARG B 125 -34.42 -4.68 0.69
CA ARG B 125 -35.56 -4.45 1.56
C ARG B 125 -35.13 -3.87 2.91
N VAL B 126 -33.93 -4.21 3.39
CA VAL B 126 -33.45 -3.66 4.65
C VAL B 126 -33.02 -2.21 4.47
N THR B 127 -32.22 -1.94 3.45
CA THR B 127 -31.64 -0.62 3.24
C THR B 127 -32.56 0.32 2.46
N GLY B 128 -33.62 -0.20 1.83
CA GLY B 128 -34.42 0.62 0.97
C GLY B 128 -33.72 1.10 -0.27
N ALA B 129 -32.61 0.46 -0.64
CA ALA B 129 -31.81 0.90 -1.77
C ALA B 129 -32.61 0.83 -3.06
N THR B 130 -32.15 1.59 -4.05
CA THR B 130 -32.74 1.55 -5.39
C THR B 130 -32.10 0.49 -6.27
N LYS B 131 -30.87 0.08 -5.97
CA LYS B 131 -30.19 -0.97 -6.71
C LYS B 131 -29.21 -1.66 -5.78
N VAL B 132 -28.96 -2.94 -6.04
CA VAL B 132 -28.02 -3.75 -5.27
C VAL B 132 -27.22 -4.62 -6.22
N HIS B 133 -25.90 -4.60 -6.08
CA HIS B 133 -25.01 -5.48 -6.84
C HIS B 133 -24.30 -6.42 -5.86
N VAL B 134 -24.57 -7.70 -5.98
CA VAL B 134 -23.86 -8.72 -5.22
C VAL B 134 -22.68 -9.20 -6.06
N ILE B 135 -21.47 -8.92 -5.59
CA ILE B 135 -20.26 -9.17 -6.37
C ILE B 135 -19.77 -10.58 -6.17
N GLY B 136 -19.42 -10.92 -4.92
CA GLY B 136 -18.91 -12.23 -4.63
C GLY B 136 -19.00 -12.52 -3.15
N HIS B 137 -18.43 -13.65 -2.75
CA HIS B 137 -18.47 -14.09 -1.36
C HIS B 137 -17.14 -14.74 -1.00
N LEU B 138 -16.94 -14.92 0.31
CA LEU B 138 -15.75 -15.59 0.83
C LEU B 138 -16.18 -16.62 1.86
N HIS B 139 -15.86 -17.88 1.60
CA HIS B 139 -16.19 -18.97 2.50
C HIS B 139 -15.03 -19.23 3.45
N ARG B 140 -15.34 -19.38 4.74
CA ARG B 140 -14.36 -19.66 5.78
C ARG B 140 -14.84 -20.87 6.56
N SER B 141 -13.91 -21.78 6.89
CA SER B 141 -14.29 -23.01 7.58
C SER B 141 -13.13 -23.68 8.30
N LEU B 142 -11.94 -23.09 8.20
CA LEU B 142 -10.79 -23.65 8.91
C LEU B 142 -10.79 -23.19 10.36
N ASN B 143 -10.35 -24.09 11.24
CA ASN B 143 -10.09 -23.73 12.62
C ASN B 143 -8.76 -23.01 12.71
N TYR B 144 -8.72 -21.91 13.46
CA TYR B 144 -7.49 -21.11 13.53
C TYR B 144 -6.35 -21.91 14.12
N ASN B 145 -6.57 -22.53 15.28
CA ASN B 145 -5.47 -23.18 15.99
C ASN B 145 -4.99 -24.42 15.27
N ASP B 146 -5.91 -25.25 14.75
CA ASP B 146 -5.51 -26.42 13.98
C ASP B 146 -4.68 -26.02 12.77
N THR B 147 -5.04 -24.91 12.12
CA THR B 147 -4.28 -24.44 10.97
C THR B 147 -2.91 -23.91 11.38
N THR B 148 -2.82 -23.25 12.54
CA THR B 148 -1.53 -22.81 13.06
C THR B 148 -0.57 -23.98 13.19
N GLU B 149 -1.05 -25.09 13.74
CA GLU B 149 -0.21 -26.28 13.87
C GLU B 149 0.12 -26.88 12.51
N GLU B 150 -0.90 -27.04 11.66
CA GLU B 150 -0.72 -27.70 10.37
C GLU B 150 0.23 -26.94 9.45
N GLU B 151 0.35 -25.62 9.62
CA GLU B 151 1.16 -24.80 8.73
C GLU B 151 2.43 -24.27 9.39
N LYS B 152 2.84 -24.87 10.52
CA LYS B 152 3.94 -24.31 11.30
C LYS B 152 5.28 -24.37 10.56
N ASN B 153 5.41 -25.25 9.56
CA ASN B 153 6.64 -25.33 8.77
C ASN B 153 6.47 -24.77 7.37
N ALA B 154 5.30 -24.20 7.05
CA ALA B 154 5.08 -23.64 5.73
C ALA B 154 5.73 -22.26 5.60
N PRO B 155 6.22 -21.92 4.41
CA PRO B 155 6.73 -20.57 4.19
C PRO B 155 5.63 -19.53 4.26
N ASP B 156 6.02 -18.30 4.57
CA ASP B 156 5.04 -17.25 4.90
C ASP B 156 4.05 -17.02 3.77
N MET B 157 4.52 -17.07 2.52
CA MET B 157 3.64 -16.79 1.39
C MET B 157 2.81 -18.00 0.95
N THR B 158 2.94 -19.14 1.63
CA THR B 158 2.04 -20.26 1.37
C THR B 158 0.61 -19.84 1.63
N MET B 159 -0.28 -20.18 0.70
CA MET B 159 -1.71 -19.95 0.89
C MET B 159 -2.32 -21.15 1.59
N THR B 160 -3.13 -20.88 2.61
CA THR B 160 -3.81 -21.95 3.32
C THR B 160 -4.86 -22.59 2.43
N LYS B 161 -5.08 -23.89 2.64
CA LYS B 161 -6.08 -24.64 1.88
C LYS B 161 -7.43 -24.41 2.53
N GLY B 162 -8.04 -23.28 2.17
CA GLY B 162 -9.20 -22.75 2.87
C GLY B 162 -8.86 -21.47 3.61
N GLN B 163 -9.86 -20.91 4.26
CA GLN B 163 -9.73 -19.64 4.94
C GLN B 163 -10.01 -19.80 6.43
N THR B 164 -9.08 -19.33 7.25
CA THR B 164 -9.27 -19.28 8.70
C THR B 164 -10.07 -18.03 9.05
N PRO B 165 -10.58 -17.93 10.28
CA PRO B 165 -11.31 -16.73 10.68
C PRO B 165 -10.42 -15.48 10.61
N GLY B 166 -11.06 -14.34 10.32
CA GLY B 166 -10.36 -13.08 10.27
C GLY B 166 -10.11 -12.51 11.65
N ARG B 167 -9.02 -12.94 12.28
CA ARG B 167 -8.77 -12.65 13.69
C ARG B 167 -7.87 -11.42 13.86
N PHE B 168 -8.38 -10.28 13.41
CA PHE B 168 -7.74 -9.00 13.64
C PHE B 168 -8.71 -7.88 13.25
N VAL B 169 -8.62 -6.77 13.98
CA VAL B 169 -9.53 -5.64 13.74
C VAL B 169 -9.21 -5.00 12.39
N HIS B 170 -10.24 -4.81 11.58
CA HIS B 170 -10.07 -4.26 10.24
C HIS B 170 -11.41 -3.76 9.73
N VAL B 171 -11.34 -3.03 8.62
CA VAL B 171 -12.49 -2.71 7.79
C VAL B 171 -12.14 -3.12 6.36
N ASP B 172 -13.02 -3.90 5.73
CA ASP B 172 -12.67 -4.56 4.49
C ASP B 172 -12.26 -3.56 3.41
N GLN B 173 -12.89 -2.38 3.38
CA GLN B 173 -12.55 -1.35 2.42
C GLN B 173 -12.27 -0.04 3.13
N SER B 174 -11.31 0.71 2.60
CA SER B 174 -11.08 2.08 3.03
C SER B 174 -11.97 3.00 2.19
N TYR B 175 -11.89 4.31 2.46
CA TYR B 175 -12.60 5.27 1.61
C TYR B 175 -12.08 5.20 0.18
N GLN B 176 -10.76 5.24 0.00
CA GLN B 176 -10.20 5.04 -1.33
C GLN B 176 -10.26 3.56 -1.73
N GLY B 177 -10.21 2.65 -0.75
CA GLY B 177 -10.38 1.25 -1.07
C GLY B 177 -11.76 0.94 -1.61
N ALA B 178 -12.77 1.65 -1.10
CA ALA B 178 -14.13 1.49 -1.64
C ALA B 178 -14.19 1.94 -3.08
N VAL B 179 -13.64 3.11 -3.39
CA VAL B 179 -13.59 3.59 -4.76
C VAL B 179 -12.85 2.60 -5.64
N ARG B 180 -11.75 2.04 -5.15
CA ARG B 180 -11.00 1.10 -5.99
C ARG B 180 -11.87 -0.12 -6.32
N ARG B 181 -12.63 -0.58 -5.35
CA ARG B 181 -13.46 -1.77 -5.51
C ARG B 181 -14.60 -1.48 -6.48
N LEU B 182 -15.17 -0.28 -6.41
CA LEU B 182 -16.32 0.06 -7.27
C LEU B 182 -15.93 0.06 -8.74
N TYR B 183 -14.75 0.61 -9.06
CA TYR B 183 -14.23 0.71 -10.44
C TYR B 183 -13.61 -0.60 -10.89
N LEU B 184 -13.51 -1.58 -10.00
CA LEU B 184 -12.93 -2.88 -10.44
C LEU B 184 -14.05 -3.89 -10.61
N ASP B 185 -15.14 -3.73 -9.87
CA ASP B 185 -16.23 -4.73 -9.88
C ASP B 185 -17.36 -4.33 -10.81
N LEU B 186 -17.53 -3.05 -11.05
CA LEU B 186 -18.55 -2.53 -11.93
C LEU B 186 -17.95 -2.03 -13.24
N PRO B 187 -18.73 -2.01 -14.32
CA PRO B 187 -18.23 -1.40 -15.56
C PRO B 187 -17.88 0.07 -15.37
N GLN B 188 -17.10 0.58 -16.33
CA GLN B 188 -16.64 1.97 -16.26
C GLN B 188 -17.82 2.93 -16.25
N GLU B 189 -18.79 2.73 -17.15
CA GLU B 189 -19.96 3.58 -17.17
C GLU B 189 -20.80 3.41 -15.91
N GLU B 190 -20.90 2.18 -15.41
CA GLU B 190 -21.68 1.91 -14.20
C GLU B 190 -21.17 2.73 -13.03
N ALA B 191 -19.88 2.58 -12.72
CA ALA B 191 -19.31 3.24 -11.53
C ALA B 191 -19.41 4.75 -11.64
N ARG B 192 -19.26 5.30 -12.85
CA ARG B 192 -19.29 6.75 -13.04
C ARG B 192 -20.62 7.33 -12.58
N ARG B 193 -21.73 6.86 -13.16
CA ARG B 193 -23.02 7.43 -12.83
C ARG B 193 -23.49 7.04 -11.44
N LEU B 194 -23.04 5.88 -10.94
CA LEU B 194 -23.51 5.42 -9.63
C LEU B 194 -22.78 6.13 -8.49
N GLU B 195 -21.54 6.56 -8.71
CA GLU B 195 -20.85 7.35 -7.69
C GLU B 195 -21.44 8.73 -7.53
N LYS B 196 -22.23 9.20 -8.52
CA LYS B 196 -22.93 10.48 -8.38
C LYS B 196 -23.88 10.45 -7.20
N THR B 197 -24.62 9.36 -7.04
CA THR B 197 -25.60 9.22 -5.98
C THR B 197 -24.97 8.49 -4.79
N ARG B 198 -25.76 8.32 -3.73
CA ARG B 198 -25.29 7.63 -2.55
C ARG B 198 -25.04 6.16 -2.84
N TRP B 199 -23.98 5.60 -2.26
CA TRP B 199 -23.67 4.20 -2.42
C TRP B 199 -22.95 3.69 -1.18
N ALA B 200 -22.91 2.37 -1.04
CA ALA B 200 -22.34 1.75 0.15
C ALA B 200 -21.85 0.36 -0.18
N ILE B 201 -20.91 -0.12 0.66
CA ILE B 201 -20.38 -1.47 0.57
C ILE B 201 -20.72 -2.18 1.87
N ILE B 202 -21.38 -3.34 1.76
CA ILE B 202 -21.91 -4.05 2.92
C ILE B 202 -21.63 -5.54 2.76
N ASN B 203 -21.09 -6.15 3.81
CA ASN B 203 -20.87 -7.59 3.86
C ASN B 203 -22.05 -8.26 4.55
N VAL B 204 -22.61 -9.28 3.92
CA VAL B 204 -23.67 -10.08 4.51
C VAL B 204 -23.04 -11.37 5.01
N TRP B 205 -22.93 -11.47 6.34
CA TRP B 205 -22.23 -12.57 7.00
C TRP B 205 -23.24 -13.58 7.50
N ARG B 206 -23.12 -14.83 7.02
CA ARG B 206 -24.02 -15.89 7.46
C ARG B 206 -23.22 -17.14 7.80
N PRO B 207 -23.42 -17.72 8.97
CA PRO B 207 -22.81 -19.02 9.27
C PRO B 207 -23.57 -20.14 8.58
N VAL B 208 -22.86 -21.24 8.31
CA VAL B 208 -23.51 -22.39 7.71
C VAL B 208 -24.28 -23.20 8.74
N ARG B 209 -24.00 -23.00 10.03
CA ARG B 209 -24.73 -23.66 11.11
C ARG B 209 -24.56 -22.83 12.37
N LYS B 210 -25.29 -23.22 13.42
CA LYS B 210 -25.29 -22.49 14.68
C LYS B 210 -23.87 -22.30 15.20
N VAL B 211 -23.50 -21.03 15.41
CA VAL B 211 -22.15 -20.70 15.82
C VAL B 211 -21.93 -21.16 17.25
N THR B 212 -21.00 -22.10 17.45
CA THR B 212 -20.57 -22.50 18.78
C THR B 212 -19.09 -22.23 19.02
N ASN B 213 -18.41 -21.58 18.07
CA ASN B 213 -17.02 -21.20 18.28
C ASN B 213 -16.65 -20.10 17.28
N GLU B 214 -15.67 -19.29 17.67
CA GLU B 214 -15.18 -18.17 16.86
C GLU B 214 -16.30 -17.28 16.32
N PRO B 215 -17.05 -16.61 17.19
CA PRO B 215 -18.08 -15.67 16.71
C PRO B 215 -17.45 -14.43 16.10
N LEU B 216 -18.29 -13.66 15.41
CA LEU B 216 -17.86 -12.43 14.74
C LEU B 216 -18.30 -11.23 15.55
N ALA B 217 -17.34 -10.36 15.88
CA ALA B 217 -17.61 -9.15 16.62
C ALA B 217 -17.60 -7.94 15.69
N VAL B 218 -18.55 -7.04 15.91
CA VAL B 218 -18.61 -5.77 15.19
C VAL B 218 -18.42 -4.65 16.20
N CYS B 219 -17.89 -3.52 15.74
CA CYS B 219 -17.59 -2.38 16.59
C CYS B 219 -18.42 -1.19 16.16
N ASP B 220 -19.05 -0.53 17.12
CA ASP B 220 -19.85 0.67 16.87
C ASP B 220 -19.04 1.71 16.13
N ALA B 221 -19.52 2.09 14.93
CA ALA B 221 -18.80 3.04 14.10
C ALA B 221 -18.58 4.38 14.78
N ARG B 222 -19.41 4.72 15.76
CA ARG B 222 -19.27 5.97 16.48
C ARG B 222 -18.19 5.93 17.56
N SER B 223 -17.70 4.75 17.93
CA SER B 223 -16.72 4.61 19.00
C SER B 223 -15.29 4.66 18.51
N VAL B 224 -15.06 4.72 17.20
CA VAL B 224 -13.72 4.83 16.63
C VAL B 224 -13.64 6.16 15.87
N ARG B 225 -12.57 6.90 16.11
CA ARG B 225 -12.33 8.17 15.45
C ARG B 225 -11.59 7.95 14.13
N GLU B 226 -11.66 8.95 13.26
CA GLU B 226 -11.05 8.82 11.93
C GLU B 226 -9.53 8.75 12.01
N ASP B 227 -8.93 9.49 12.93
CA ASP B 227 -7.48 9.45 13.09
C ASP B 227 -6.99 8.11 13.67
N GLU B 228 -7.90 7.21 14.02
CA GLU B 228 -7.53 5.84 14.37
C GLU B 228 -7.57 4.89 13.17
N LEU B 229 -8.03 5.37 12.02
CA LEU B 229 -8.16 4.57 10.81
C LEU B 229 -6.94 4.79 9.93
N PHE B 230 -6.30 3.70 9.51
CA PHE B 230 -5.06 3.76 8.74
C PHE B 230 -5.24 2.96 7.46
N ASN B 231 -5.07 3.64 6.32
CA ASN B 231 -5.17 2.96 5.04
C ASN B 231 -4.09 1.89 4.94
N THR B 232 -4.49 0.68 4.57
CA THR B 232 -3.59 -0.46 4.57
C THR B 232 -3.81 -1.31 3.33
N LEU B 233 -2.73 -1.63 2.65
CA LEU B 233 -2.84 -2.45 1.44
C LEU B 233 -3.12 -3.90 1.78
N HIS B 234 -3.94 -4.53 0.94
CA HIS B 234 -4.35 -5.92 1.13
C HIS B 234 -4.11 -6.65 -0.19
N LEU B 235 -3.26 -7.67 -0.16
CA LEU B 235 -2.85 -8.39 -1.37
C LEU B 235 -3.10 -9.88 -1.21
N VAL B 236 -3.61 -10.49 -2.27
CA VAL B 236 -3.80 -11.94 -2.33
C VAL B 236 -3.04 -12.47 -3.54
N PRO B 237 -1.99 -13.26 -3.36
CA PRO B 237 -1.14 -13.68 -4.48
C PRO B 237 -1.75 -14.83 -5.29
N MET B 238 -2.92 -14.57 -5.86
CA MET B 238 -3.56 -15.54 -6.74
C MET B 238 -2.75 -15.66 -8.04
N ARG B 239 -2.47 -16.90 -8.44
CA ARG B 239 -1.78 -17.19 -9.70
C ARG B 239 -0.39 -16.59 -9.75
N TRP B 240 0.28 -16.53 -8.62
CA TRP B 240 1.69 -16.14 -8.60
C TRP B 240 2.52 -17.20 -9.31
N PRO B 241 3.46 -16.82 -10.19
CA PRO B 241 3.93 -15.48 -10.52
C PRO B 241 3.33 -14.88 -11.81
N ASP B 242 2.32 -15.53 -12.38
CA ASP B 242 1.79 -15.08 -13.67
C ASP B 242 1.03 -13.76 -13.55
N ALA B 243 0.48 -13.47 -12.38
CA ALA B 243 -0.35 -12.28 -12.18
C ALA B 243 0.07 -11.54 -10.92
N ALA B 244 -0.11 -10.23 -10.96
CA ALA B 244 0.12 -9.43 -9.77
C ALA B 244 -0.93 -9.78 -8.71
N PRO B 245 -0.56 -9.81 -7.44
CA PRO B 245 -1.53 -10.10 -6.38
C PRO B 245 -2.75 -9.18 -6.48
N GLN B 246 -3.92 -9.74 -6.21
CA GLN B 246 -5.14 -8.94 -6.22
C GLN B 246 -5.04 -7.84 -5.17
N GLU B 247 -5.31 -6.61 -5.59
CA GLU B 247 -5.08 -5.44 -4.74
C GLU B 247 -6.39 -4.95 -4.15
N ASN B 248 -6.38 -4.73 -2.84
CA ASN B 248 -7.44 -4.06 -2.12
C ASN B 248 -6.80 -3.13 -1.10
N GLN B 249 -7.62 -2.27 -0.50
CA GLN B 249 -7.13 -1.34 0.51
C GLN B 249 -8.12 -1.31 1.66
N MET B 250 -7.63 -1.65 2.85
CA MET B 250 -8.44 -1.81 4.05
C MET B 250 -8.17 -0.68 5.03
N TRP B 251 -8.95 -0.69 6.11
CA TRP B 251 -8.64 0.11 7.29
C TRP B 251 -7.98 -0.79 8.32
N ALA B 252 -6.82 -0.38 8.82
CA ALA B 252 -6.32 -0.87 10.08
C ALA B 252 -6.70 0.15 11.16
N VAL B 253 -6.80 -0.31 12.40
CA VAL B 253 -7.37 0.48 13.47
C VAL B 253 -6.38 0.56 14.62
N ALA B 254 -6.05 1.78 15.05
CA ALA B 254 -5.15 1.97 16.17
C ALA B 254 -5.78 1.41 17.45
N PRO B 255 -4.97 0.88 18.36
CA PRO B 255 -5.52 0.21 19.53
C PRO B 255 -6.13 1.21 20.50
N PRO B 256 -7.18 0.83 21.21
CA PRO B 256 -7.76 1.73 22.21
C PRO B 256 -7.02 1.64 23.55
N LYS B 257 -7.27 2.64 24.39
CA LYS B 257 -6.64 2.70 25.70
C LYS B 257 -7.42 1.95 26.77
N THR B 258 -8.63 1.50 26.45
CA THR B 258 -9.60 1.04 27.43
C THR B 258 -10.31 -0.19 26.87
N PRO B 259 -10.68 -1.16 27.71
CA PRO B 259 -11.50 -2.27 27.21
C PRO B 259 -12.82 -1.84 26.62
N THR B 260 -13.31 -0.64 26.94
CA THR B 260 -14.59 -0.16 26.45
C THR B 260 -14.49 1.12 25.63
N GLN B 261 -13.27 1.58 25.31
CA GLN B 261 -13.15 2.74 24.42
C GLN B 261 -13.82 2.47 23.08
N HIS B 262 -13.44 1.36 22.45
CA HIS B 262 -14.21 0.83 21.33
C HIS B 262 -15.33 -0.04 21.87
N LYS B 263 -16.55 0.19 21.40
CA LYS B 263 -17.73 -0.50 21.91
C LYS B 263 -18.03 -1.69 21.00
N TRP B 264 -17.70 -2.89 21.48
CA TRP B 264 -17.73 -4.11 20.68
C TRP B 264 -18.98 -4.93 20.99
N HIS B 265 -19.60 -5.48 19.95
CA HIS B 265 -20.82 -6.26 20.10
C HIS B 265 -20.76 -7.52 19.24
N TYR B 266 -21.58 -8.50 19.62
CA TYR B 266 -21.82 -9.70 18.83
C TYR B 266 -23.14 -10.28 19.30
N VAL B 267 -23.64 -11.28 18.56
CA VAL B 267 -24.85 -11.99 18.92
C VAL B 267 -24.54 -13.48 18.97
N SER B 268 -24.67 -14.08 20.15
CA SER B 268 -24.35 -15.49 20.31
C SER B 268 -25.33 -16.36 19.53
N GLY B 269 -24.87 -17.55 19.16
CA GLY B 269 -25.75 -18.56 18.59
C GLY B 269 -26.36 -18.20 17.26
N MET B 270 -25.66 -17.39 16.45
CA MET B 270 -26.16 -17.04 15.13
C MET B 270 -26.32 -18.30 14.28
N THR B 271 -27.43 -18.40 13.58
CA THR B 271 -27.75 -19.56 12.74
C THR B 271 -27.78 -19.17 11.27
N GLU B 272 -27.94 -20.19 10.43
CA GLU B 272 -28.02 -19.99 8.99
C GLU B 272 -29.23 -19.16 8.59
N ASP B 273 -30.24 -19.07 9.45
CA ASP B 273 -31.40 -18.23 9.21
C ASP B 273 -31.17 -16.78 9.63
N GLU B 274 -29.93 -16.40 9.93
CA GLU B 274 -29.62 -15.07 10.40
C GLU B 274 -28.44 -14.52 9.60
N ALA B 275 -28.40 -13.20 9.47
CA ALA B 275 -27.39 -12.53 8.67
C ALA B 275 -26.91 -11.29 9.40
N LEU B 276 -25.59 -11.17 9.56
CA LEU B 276 -24.97 -9.98 10.13
C LEU B 276 -24.60 -9.05 8.98
N LEU B 277 -25.26 -7.89 8.92
CA LEU B 277 -24.96 -6.88 7.92
C LEU B 277 -23.87 -5.96 8.47
N ILE B 278 -22.74 -5.92 7.80
CA ILE B 278 -21.60 -5.10 8.21
C ILE B 278 -21.33 -4.07 7.10
N LYS B 279 -21.49 -2.79 7.44
CA LYS B 279 -21.23 -1.72 6.49
C LYS B 279 -19.74 -1.38 6.52
N MET B 280 -19.06 -1.63 5.40
CA MET B 280 -17.66 -1.26 5.26
C MET B 280 -17.47 0.18 4.82
N PHE B 281 -18.41 0.72 4.05
CA PHE B 281 -18.25 2.06 3.50
C PHE B 281 -19.62 2.65 3.21
N ASP B 282 -19.76 3.95 3.47
CA ASP B 282 -20.93 4.72 3.05
C ASP B 282 -20.45 6.05 2.51
N SER B 283 -20.97 6.44 1.35
CA SER B 283 -20.53 7.68 0.71
C SER B 283 -21.07 8.92 1.42
N LYS B 284 -22.10 8.75 2.24
CA LYS B 284 -22.67 9.88 3.00
C LYS B 284 -21.64 10.33 4.03
N LYS B 285 -21.21 11.58 3.95
CA LYS B 285 -20.10 12.06 4.79
C LYS B 285 -20.58 12.65 6.11
N ASP B 286 -21.87 12.90 6.29
CA ASP B 286 -22.32 13.46 7.58
C ASP B 286 -23.50 12.66 8.10
N GLY B 287 -23.49 12.39 9.41
CA GLY B 287 -24.56 11.70 10.15
C GLY B 287 -24.37 10.20 10.23
N THR B 288 -24.74 9.51 9.17
CA THR B 288 -24.72 8.03 9.02
C THR B 288 -23.38 7.40 9.34
N ALA B 289 -23.42 6.22 9.95
CA ALA B 289 -22.19 5.45 10.14
C ALA B 289 -21.57 5.13 8.80
N ARG B 290 -20.24 5.20 8.72
CA ARG B 290 -19.54 5.03 7.46
C ARG B 290 -18.72 3.76 7.36
N ARG B 291 -18.28 3.20 8.49
CA ARG B 291 -17.33 2.10 8.44
C ARG B 291 -17.31 1.39 9.78
N VAL B 292 -17.30 0.06 9.74
CA VAL B 292 -17.43 -0.75 10.95
C VAL B 292 -16.19 -1.61 11.12
N PRO B 293 -15.32 -1.31 12.08
CA PRO B 293 -14.26 -2.26 12.43
C PRO B 293 -14.85 -3.54 12.98
N HIS B 294 -14.28 -4.65 12.56
CA HIS B 294 -14.81 -5.96 12.95
C HIS B 294 -13.67 -6.96 13.02
N SER B 295 -13.94 -8.07 13.69
CA SER B 295 -12.98 -9.15 13.83
C SER B 295 -13.68 -10.35 14.44
N SER B 296 -13.19 -11.54 14.09
CA SER B 296 -13.58 -12.73 14.82
C SER B 296 -12.79 -12.79 16.12
N PHE B 297 -13.24 -13.64 17.04
CA PHE B 297 -12.55 -13.81 18.31
C PHE B 297 -12.98 -15.13 18.92
N PRO B 298 -12.07 -15.83 19.60
CA PRO B 298 -12.45 -17.05 20.31
C PRO B 298 -12.94 -16.74 21.72
N THR B 299 -13.93 -17.51 22.15
CA THR B 299 -14.45 -17.43 23.51
C THR B 299 -14.02 -18.68 24.27
N PRO B 300 -13.84 -18.59 25.60
CA PRO B 300 -13.46 -19.78 26.37
C PRO B 300 -14.53 -20.85 26.41
N ASP B 301 -15.74 -20.55 25.90
CA ASP B 301 -16.81 -21.53 25.79
C ASP B 301 -16.88 -22.15 24.40
N ASP B 302 -15.90 -21.88 23.55
CA ASP B 302 -15.91 -22.41 22.19
C ASP B 302 -15.84 -23.92 22.20
N PHE B 303 -16.75 -24.55 21.45
CA PHE B 303 -16.78 -26.00 21.33
C PHE B 303 -17.29 -26.38 19.95
N GLY B 304 -17.21 -27.67 19.65
CA GLY B 304 -17.76 -28.20 18.41
C GLY B 304 -16.81 -28.06 17.24
N GLU B 305 -17.30 -28.51 16.09
CA GLU B 305 -16.51 -28.47 14.87
C GLU B 305 -16.31 -27.01 14.42
N PRO B 306 -15.22 -26.72 13.73
CA PRO B 306 -14.85 -25.32 13.46
C PRO B 306 -15.96 -24.55 12.77
N ARG B 307 -16.16 -23.32 13.23
CA ARG B 307 -17.16 -22.44 12.61
C ARG B 307 -16.91 -22.33 11.12
N ALA B 308 -17.99 -22.41 10.35
CA ALA B 308 -17.95 -22.16 8.92
C ALA B 308 -18.96 -21.07 8.60
N SER B 309 -18.59 -20.20 7.66
CA SER B 309 -19.43 -19.05 7.33
C SER B 309 -19.15 -18.62 5.90
N THR B 310 -20.00 -17.73 5.41
CA THR B 310 -19.74 -17.00 4.18
C THR B 310 -19.99 -15.52 4.43
N GLU B 311 -19.15 -14.68 3.82
CA GLU B 311 -19.33 -13.24 3.78
C GLU B 311 -19.40 -12.84 2.33
N THR B 312 -20.53 -12.25 1.96
CA THR B 312 -20.90 -11.80 0.60
C THR B 312 -20.72 -10.29 0.47
N ARG B 313 -19.91 -9.82 -0.49
CA ARG B 313 -19.72 -8.38 -0.63
C ARG B 313 -20.78 -7.81 -1.57
N CYS B 314 -21.47 -6.78 -1.11
CA CYS B 314 -22.58 -6.21 -1.85
C CYS B 314 -22.39 -4.70 -2.00
N PHE B 315 -22.59 -4.22 -3.23
CA PHE B 315 -22.72 -2.79 -3.48
C PHE B 315 -24.19 -2.40 -3.35
N VAL B 316 -24.43 -1.26 -2.71
CA VAL B 316 -25.79 -0.80 -2.41
C VAL B 316 -25.90 0.66 -2.80
N PHE B 317 -26.94 0.99 -3.56
CA PHE B 317 -27.09 2.30 -4.15
C PHE B 317 -28.47 2.87 -3.86
N TRP B 318 -28.50 4.15 -3.49
CA TRP B 318 -29.73 4.91 -3.30
C TRP B 318 -29.69 6.03 -4.34
N GLU B 319 -30.18 5.72 -5.54
CA GLU B 319 -30.07 6.65 -6.66
C GLU B 319 -30.99 7.87 -6.52
N ASP B 320 -31.79 7.96 -5.47
CA ASP B 320 -32.61 9.14 -5.22
C ASP B 320 -32.00 10.08 -4.19
N GLN B 321 -30.83 9.75 -3.67
CA GLN B 321 -30.18 10.59 -2.67
C GLN B 321 -28.88 11.17 -3.21
#